data_5N2X
#
_entry.id   5N2X
#
_cell.length_a   92.751
_cell.length_b   92.751
_cell.length_c   130.348
_cell.angle_alpha   90.00
_cell.angle_beta   90.00
_cell.angle_gamma   120.00
#
_symmetry.space_group_name_H-M   'P 61 2 2'
#
loop_
_entity.id
_entity.type
_entity.pdbx_description
1 polymer Thermolysin
2 non-polymer 'ZINC ION'
3 non-polymer 'CALCIUM ION'
4 non-polymer 'DIMETHYL SULFOXIDE'
5 non-polymer '(2~{S})-5-azanyl-2-[[(2~{S})-4-methyl-2-[[oxidanyl(phenylmethoxycarbonylaminomethyl)phosphoryl]amino]pentanoyl]amino]pentanoic acid'
6 non-polymer (4S)-2-METHYL-2,4-PENTANEDIOL
7 water water
#
_entity_poly.entity_id   1
_entity_poly.type   'polypeptide(L)'
_entity_poly.pdbx_seq_one_letter_code
;ITGTSTVGVGRGVLGDQKNINTTYSTYYYLQDNTRGNGIFTYDAKYRTTLPGSLWADADNQFFASYDAPAVDAHYYAGVT
YDYYKNVHNRLSYDGNNAAIRSSVHYSQGYNNAFWNGSQMVYGDGDGQTFIPLSGGIDVVAHELTHAVTDYTAGLIYQNE
SGAINEAISDIFGTLVEFYANKNPDWEIGEDVYTPGISGDSLRSMSDPAKYGDPDHYSKRYTGTQDNGGVHINSGIINKA
AYLISQGGTHYGVSVVGIGRDKLGKIFYRALTQYLTPTSNFSQLRAAAVQSATDLYGSTSQEVASVKQAFDAVGVK
;
_entity_poly.pdbx_strand_id   E
#
loop_
_chem_comp.id
_chem_comp.type
_chem_comp.name
_chem_comp.formula
8KN non-polymer '(2~{S})-5-azanyl-2-[[(2~{S})-4-methyl-2-[[oxidanyl(phenylmethoxycarbonylaminomethyl)phosphoryl]amino]pentanoyl]amino]pentanoic acid' 'C20 H33 N4 O7 P'
CA non-polymer 'CALCIUM ION' 'Ca 2'
DMS non-polymer 'DIMETHYL SULFOXIDE' 'C2 H6 O S'
MPD non-polymer (4S)-2-METHYL-2,4-PENTANEDIOL 'C6 H14 O2'
ZN non-polymer 'ZINC ION' 'Zn 2'
#
# COMPACT_ATOMS: atom_id res chain seq x y z
N ILE A 1 -14.78 19.90 7.19
CA ILE A 1 -15.30 21.20 7.70
C ILE A 1 -15.31 22.23 6.56
N THR A 2 -16.20 23.21 6.66
CA THR A 2 -16.21 24.31 5.71
C THR A 2 -15.13 25.32 6.10
N GLY A 3 -14.32 25.71 5.13
CA GLY A 3 -13.26 26.65 5.40
C GLY A 3 -12.53 26.95 4.12
N THR A 4 -11.36 27.55 4.24
CA THR A 4 -10.58 27.91 3.05
C THR A 4 -9.31 27.07 3.01
N SER A 5 -8.93 26.69 1.79
CA SER A 5 -7.77 25.84 1.62
C SER A 5 -6.49 26.60 1.88
N THR A 6 -5.60 25.96 2.64
CA THR A 6 -4.36 26.56 3.11
C THR A 6 -3.23 25.56 2.90
N VAL A 7 -2.00 26.01 3.11
CA VAL A 7 -0.82 25.15 2.98
C VAL A 7 0.02 25.31 4.25
N GLY A 8 0.09 24.23 5.02
CA GLY A 8 0.93 24.19 6.19
C GLY A 8 2.26 23.52 5.90
N VAL A 9 3.12 23.52 6.91
N VAL A 9 3.11 23.49 6.92
CA VAL A 9 4.43 22.89 6.79
CA VAL A 9 4.45 22.93 6.80
C VAL A 9 4.69 22.09 8.05
C VAL A 9 4.73 22.11 8.06
N GLY A 10 5.37 20.97 7.90
CA GLY A 10 5.65 20.14 9.03
C GLY A 10 6.78 19.17 8.77
N ARG A 11 6.99 18.30 9.75
CA ARG A 11 8.03 17.29 9.69
C ARG A 11 7.41 15.93 9.91
N GLY A 12 7.77 14.97 9.08
CA GLY A 12 7.26 13.61 9.20
C GLY A 12 8.07 12.77 10.19
N VAL A 13 7.67 11.49 10.26
CA VAL A 13 8.22 10.52 11.21
C VAL A 13 9.74 10.42 11.10
N LEU A 14 10.28 10.48 9.88
N LEU A 14 10.27 10.47 9.88
CA LEU A 14 11.71 10.35 9.69
CA LEU A 14 11.70 10.35 9.64
C LEU A 14 12.45 11.68 9.77
C LEU A 14 12.43 11.69 9.69
N GLY A 15 11.77 12.76 10.11
CA GLY A 15 12.42 14.05 10.29
C GLY A 15 12.47 14.94 9.07
N ASP A 16 11.83 14.55 7.98
CA ASP A 16 11.86 15.30 6.74
C ASP A 16 10.74 16.33 6.70
N GLN A 17 11.06 17.51 6.16
CA GLN A 17 10.09 18.60 6.07
C GLN A 17 9.25 18.46 4.80
N LYS A 18 7.96 18.73 4.90
CA LYS A 18 7.10 18.70 3.73
C LYS A 18 5.94 19.68 3.94
N ASN A 19 5.39 20.17 2.84
CA ASN A 19 4.18 20.98 2.87
C ASN A 19 2.97 20.05 2.86
N ILE A 20 1.91 20.50 3.55
N ILE A 20 1.91 20.48 3.54
CA ILE A 20 0.67 19.74 3.63
CA ILE A 20 0.67 19.73 3.56
C ILE A 20 -0.52 20.65 3.35
C ILE A 20 -0.51 20.65 3.30
N ASN A 21 -1.50 20.11 2.63
CA ASN A 21 -2.73 20.83 2.35
C ASN A 21 -3.66 20.78 3.55
N THR A 22 -4.03 21.94 4.05
CA THR A 22 -4.87 22.07 5.24
C THR A 22 -6.08 22.94 4.91
N THR A 23 -6.97 23.08 5.90
CA THR A 23 -8.16 23.91 5.78
C THR A 23 -8.24 24.81 7.00
N TYR A 24 -8.44 26.11 6.79
CA TYR A 24 -8.56 27.06 7.88
C TYR A 24 -10.02 27.40 8.16
N SER A 25 -10.40 27.21 9.43
CA SER A 25 -11.67 27.70 9.98
C SER A 25 -11.46 27.71 11.49
N THR A 26 -11.02 28.85 12.01
CA THR A 26 -10.59 29.06 13.40
C THR A 26 -9.27 28.35 13.70
N TYR A 27 -9.26 27.02 13.55
CA TYR A 27 -8.05 26.20 13.52
C TYR A 27 -7.67 25.84 12.09
N TYR A 28 -6.44 25.36 11.94
CA TYR A 28 -5.99 24.71 10.72
C TYR A 28 -6.17 23.21 10.88
N TYR A 29 -6.93 22.61 9.98
CA TYR A 29 -7.26 21.20 10.04
C TYR A 29 -6.50 20.43 8.98
N LEU A 30 -6.18 19.17 9.27
CA LEU A 30 -5.62 18.26 8.26
C LEU A 30 -6.76 17.78 7.36
N GLN A 31 -7.11 18.67 6.45
CA GLN A 31 -8.16 18.46 5.46
C GLN A 31 -7.64 19.06 4.17
N ASP A 32 -7.33 18.18 3.21
CA ASP A 32 -6.79 18.54 1.91
C ASP A 32 -7.94 18.57 0.92
N ASN A 33 -8.32 19.77 0.46
CA ASN A 33 -9.43 19.91 -0.46
C ASN A 33 -9.00 19.82 -1.92
N THR A 34 -7.71 19.63 -2.17
CA THR A 34 -7.19 19.68 -3.54
C THR A 34 -7.36 18.36 -4.27
N ARG A 35 -7.76 17.30 -3.58
CA ARG A 35 -7.82 15.95 -4.14
C ARG A 35 -9.23 15.39 -3.90
N GLY A 36 -9.96 15.19 -4.98
CA GLY A 36 -11.27 14.57 -4.89
C GLY A 36 -12.18 15.30 -3.94
N ASN A 37 -12.91 14.54 -3.12
CA ASN A 37 -13.76 15.10 -2.09
C ASN A 37 -13.06 15.19 -0.75
N GLY A 38 -11.76 15.23 -0.77
CA GLY A 38 -10.96 15.56 0.38
C GLY A 38 -10.18 14.38 0.94
N ILE A 39 -9.07 14.71 1.59
CA ILE A 39 -8.29 13.80 2.41
C ILE A 39 -8.30 14.38 3.82
N PHE A 40 -8.71 13.56 4.79
CA PHE A 40 -8.98 13.99 6.15
C PHE A 40 -8.17 13.12 7.10
N THR A 41 -7.42 13.73 8.01
CA THR A 41 -6.59 13.00 8.95
C THR A 41 -7.00 13.34 10.38
N TYR A 42 -7.14 12.30 11.20
CA TYR A 42 -7.74 12.35 12.53
C TYR A 42 -6.74 11.90 13.60
N ASP A 43 -6.93 12.43 14.80
CA ASP A 43 -6.19 12.05 16.01
C ASP A 43 -7.02 11.03 16.79
N ALA A 44 -6.54 9.78 16.88
CA ALA A 44 -7.18 8.79 17.74
C ALA A 44 -6.70 8.84 19.19
N LYS A 45 -5.71 9.67 19.50
CA LYS A 45 -5.35 10.04 20.89
C LYS A 45 -5.02 8.84 21.77
N TYR A 46 -4.37 7.84 21.19
CA TYR A 46 -3.94 6.61 21.85
C TYR A 46 -5.08 5.68 22.20
N ARG A 47 -6.30 5.97 21.77
CA ARG A 47 -7.44 5.13 22.04
C ARG A 47 -7.81 4.32 20.80
N THR A 48 -8.86 3.52 20.94
CA THR A 48 -9.29 2.64 19.87
C THR A 48 -10.67 3.01 19.31
N THR A 49 -11.23 4.15 19.74
N THR A 49 -11.25 4.10 19.80
CA THR A 49 -12.49 4.63 19.21
CA THR A 49 -12.43 4.66 19.19
C THR A 49 -12.21 5.49 17.97
C THR A 49 -12.05 5.34 17.89
N LEU A 50 -12.85 5.13 16.85
CA LEU A 50 -12.54 5.67 15.52
C LEU A 50 -13.71 6.49 14.99
N PRO A 51 -13.41 7.55 14.23
CA PRO A 51 -12.07 7.95 13.79
C PRO A 51 -11.25 8.79 14.80
N GLY A 52 -11.89 9.26 15.87
CA GLY A 52 -11.27 10.29 16.69
C GLY A 52 -11.65 11.66 16.18
N SER A 53 -10.77 12.62 16.41
N SER A 53 -10.83 12.66 16.49
CA SER A 53 -11.06 14.02 16.12
CA SER A 53 -11.16 14.03 16.13
C SER A 53 -10.31 14.47 14.87
C SER A 53 -10.33 14.52 14.94
N LEU A 54 -10.98 15.22 14.01
CA LEU A 54 -10.28 15.77 12.85
C LEU A 54 -9.10 16.60 13.35
N TRP A 55 -7.92 16.39 12.80
CA TRP A 55 -6.71 16.96 13.39
C TRP A 55 -6.73 18.48 13.28
N ALA A 56 -6.65 19.16 14.42
CA ALA A 56 -6.71 20.61 14.52
C ALA A 56 -5.39 21.14 15.08
N ASP A 57 -4.93 22.24 14.50
CA ASP A 57 -3.66 22.86 14.86
C ASP A 57 -3.81 24.37 14.84
N ALA A 58 -3.25 25.04 15.85
CA ALA A 58 -3.47 26.49 15.99
C ALA A 58 -2.75 27.32 14.94
N ASP A 59 -1.57 26.91 14.44
CA ASP A 59 -0.73 27.81 13.66
C ASP A 59 -0.32 27.28 12.29
N ASN A 60 -0.81 26.12 11.86
CA ASN A 60 -0.48 25.58 10.54
C ASN A 60 0.97 25.12 10.40
N GLN A 61 1.66 24.94 11.51
CA GLN A 61 3.02 24.41 11.55
C GLN A 61 2.99 23.10 12.33
N PHE A 62 3.56 22.05 11.75
CA PHE A 62 3.38 20.71 12.29
C PHE A 62 4.74 20.07 12.57
N PHE A 63 5.50 20.66 13.50
CA PHE A 63 6.86 20.23 13.81
C PHE A 63 6.97 19.52 15.15
N ALA A 64 5.88 19.34 15.88
CA ALA A 64 5.96 18.65 17.15
C ALA A 64 6.08 17.15 16.90
N SER A 65 6.74 16.46 17.82
N SER A 65 6.76 16.46 17.82
CA SER A 65 6.87 15.00 17.66
CA SER A 65 6.88 15.01 17.68
C SER A 65 5.50 14.33 17.54
C SER A 65 5.50 14.35 17.53
N TYR A 66 4.51 14.81 18.30
CA TYR A 66 3.17 14.24 18.23
C TYR A 66 2.54 14.44 16.86
N ASP A 67 2.97 15.47 16.12
CA ASP A 67 2.38 15.76 14.82
C ASP A 67 2.91 14.83 13.72
N ALA A 68 4.10 14.24 13.90
CA ALA A 68 4.79 13.60 12.78
C ALA A 68 3.99 12.48 12.13
N PRO A 69 3.34 11.58 12.86
CA PRO A 69 2.58 10.53 12.17
C PRO A 69 1.42 11.09 11.37
N ALA A 70 0.83 12.19 11.83
CA ALA A 70 -0.29 12.80 11.11
C ALA A 70 0.18 13.44 9.82
N VAL A 71 1.31 14.16 9.87
CA VAL A 71 1.90 14.76 8.67
C VAL A 71 2.06 13.71 7.59
N ASP A 72 2.66 12.57 7.94
CA ASP A 72 2.96 11.55 6.93
C ASP A 72 1.71 10.81 6.47
N ALA A 73 0.78 10.48 7.36
CA ALA A 73 -0.45 9.84 6.91
C ALA A 73 -1.16 10.72 5.89
N HIS A 74 -1.22 12.02 6.17
CA HIS A 74 -1.92 12.98 5.32
C HIS A 74 -1.20 13.13 3.98
N TYR A 75 0.11 13.35 4.04
CA TYR A 75 0.90 13.61 2.84
C TYR A 75 0.96 12.37 1.95
N TYR A 76 1.21 11.20 2.53
CA TYR A 76 1.35 9.99 1.73
C TYR A 76 -0.01 9.53 1.19
N ALA A 77 -1.11 9.83 1.87
CA ALA A 77 -2.41 9.59 1.25
C ALA A 77 -2.56 10.41 -0.01
N GLY A 78 -2.07 11.67 0.01
CA GLY A 78 -2.10 12.49 -1.19
C GLY A 78 -1.26 11.91 -2.33
N VAL A 79 -0.06 11.43 -2.02
CA VAL A 79 0.77 10.81 -3.05
C VAL A 79 0.05 9.61 -3.65
N THR A 80 -0.57 8.79 -2.79
CA THR A 80 -1.23 7.59 -3.28
C THR A 80 -2.43 7.94 -4.15
N TYR A 81 -3.22 8.93 -3.74
CA TYR A 81 -4.30 9.45 -4.57
C TYR A 81 -3.77 9.86 -5.93
N ASP A 82 -2.66 10.60 -5.95
CA ASP A 82 -2.07 11.08 -7.19
C ASP A 82 -1.62 9.92 -8.08
N TYR A 83 -1.02 8.89 -7.50
CA TYR A 83 -0.64 7.73 -8.29
C TYR A 83 -1.86 7.13 -8.98
N TYR A 84 -2.91 6.83 -8.22
CA TYR A 84 -4.06 6.18 -8.83
C TYR A 84 -4.71 7.06 -9.90
N LYS A 85 -4.79 8.36 -9.65
CA LYS A 85 -5.43 9.25 -10.62
C LYS A 85 -4.56 9.41 -11.86
N ASN A 86 -3.28 9.72 -11.67
CA ASN A 86 -2.40 10.08 -12.79
C ASN A 86 -2.00 8.85 -13.59
N VAL A 87 -1.79 7.72 -12.93
CA VAL A 87 -1.29 6.53 -13.60
C VAL A 87 -2.43 5.64 -14.11
N HIS A 88 -3.51 5.50 -13.34
CA HIS A 88 -4.58 4.56 -13.68
C HIS A 88 -5.91 5.24 -13.96
N ASN A 89 -5.97 6.56 -13.95
CA ASN A 89 -7.22 7.28 -14.19
C ASN A 89 -8.31 6.83 -13.22
N ARG A 90 -7.93 6.56 -11.97
CA ARG A 90 -8.85 6.18 -10.93
C ARG A 90 -8.96 7.31 -9.92
N LEU A 91 -10.19 7.70 -9.62
CA LEU A 91 -10.49 8.82 -8.71
C LEU A 91 -10.82 8.26 -7.34
N SER A 92 -9.84 8.28 -6.45
CA SER A 92 -9.95 7.72 -5.10
C SER A 92 -10.23 6.22 -5.11
N TYR A 93 -10.49 5.66 -3.94
CA TYR A 93 -10.56 4.20 -3.84
C TYR A 93 -11.81 3.63 -4.48
N ASP A 94 -12.90 4.40 -4.50
CA ASP A 94 -14.14 3.93 -5.08
C ASP A 94 -14.32 4.32 -6.54
N GLY A 95 -13.36 5.04 -7.12
CA GLY A 95 -13.49 5.52 -8.48
C GLY A 95 -14.38 6.73 -8.64
N ASN A 96 -14.96 7.24 -7.53
N ASN A 96 -15.00 7.23 -7.56
CA ASN A 96 -15.88 8.37 -7.54
CA ASN A 96 -15.86 8.41 -7.61
C ASN A 96 -15.44 9.44 -6.57
C ASN A 96 -15.45 9.42 -6.56
N ASN A 97 -14.15 9.51 -6.28
CA ASN A 97 -13.60 10.56 -5.44
C ASN A 97 -14.12 10.52 -4.00
N ALA A 98 -14.36 9.32 -3.46
CA ALA A 98 -14.70 9.22 -2.05
C ALA A 98 -13.65 9.91 -1.18
N ALA A 99 -14.12 10.59 -0.14
CA ALA A 99 -13.23 11.16 0.85
C ALA A 99 -12.34 10.07 1.46
N ILE A 100 -11.07 10.39 1.64
CA ILE A 100 -10.10 9.47 2.20
C ILE A 100 -9.81 9.90 3.64
N ARG A 101 -10.07 8.99 4.59
CA ARG A 101 -9.95 9.28 6.01
C ARG A 101 -8.90 8.35 6.63
N SER A 102 -8.04 8.93 7.46
CA SER A 102 -7.03 8.19 8.21
C SER A 102 -7.01 8.64 9.65
N SER A 103 -6.78 7.71 10.58
CA SER A 103 -6.53 8.05 11.97
C SER A 103 -5.14 7.59 12.37
N VAL A 104 -4.42 8.44 13.11
CA VAL A 104 -3.10 8.12 13.64
C VAL A 104 -3.17 8.14 15.17
N HIS A 105 -2.08 7.71 15.79
CA HIS A 105 -2.03 7.50 17.24
C HIS A 105 -3.13 6.53 17.69
N TYR A 106 -3.35 5.49 16.90
CA TYR A 106 -4.30 4.46 17.29
C TYR A 106 -3.70 3.54 18.36
N SER A 107 -4.41 3.42 19.48
CA SER A 107 -4.05 2.51 20.56
C SER A 107 -2.70 2.88 21.16
N GLN A 108 -2.11 1.95 21.91
CA GLN A 108 -0.81 2.13 22.56
C GLN A 108 0.11 0.99 22.15
N GLY A 109 1.31 1.33 21.68
CA GLY A 109 2.27 0.31 21.30
C GLY A 109 1.82 -0.57 20.16
N TYR A 110 0.99 -0.05 19.26
CA TYR A 110 0.28 -0.88 18.29
C TYR A 110 1.14 -1.05 17.04
N ASN A 111 1.60 -2.27 16.81
CA ASN A 111 2.52 -2.62 15.72
C ASN A 111 1.79 -3.01 14.45
N ASN A 112 0.88 -2.17 13.96
CA ASN A 112 0.17 -2.51 12.75
C ASN A 112 -0.51 -1.27 12.19
N ALA A 113 -1.07 -1.45 11.00
CA ALA A 113 -1.91 -0.48 10.32
C ALA A 113 -2.94 -1.28 9.55
N PHE A 114 -4.10 -0.70 9.28
CA PHE A 114 -5.18 -1.42 8.61
C PHE A 114 -6.20 -0.48 8.00
N TRP A 115 -6.93 -1.02 7.04
CA TRP A 115 -8.17 -0.46 6.55
C TRP A 115 -9.30 -1.19 7.27
N ASN A 116 -10.20 -0.44 7.91
CA ASN A 116 -11.22 -1.04 8.76
C ASN A 116 -12.56 -1.24 8.07
N GLY A 117 -12.59 -1.14 6.75
CA GLY A 117 -13.80 -1.16 5.96
C GLY A 117 -14.25 0.21 5.52
N SER A 118 -13.76 1.27 6.19
CA SER A 118 -14.19 2.64 5.95
C SER A 118 -13.07 3.67 5.98
N GLN A 119 -11.92 3.36 6.58
CA GLN A 119 -10.86 4.34 6.78
C GLN A 119 -9.55 3.60 7.05
N MET A 120 -8.45 4.33 6.93
CA MET A 120 -7.13 3.84 7.33
C MET A 120 -6.84 4.15 8.78
N VAL A 121 -6.06 3.28 9.40
CA VAL A 121 -5.76 3.34 10.83
C VAL A 121 -4.28 2.99 11.02
N TYR A 122 -3.54 3.83 11.76
CA TYR A 122 -2.11 3.61 11.96
C TYR A 122 -1.75 3.61 13.44
N GLY A 123 -1.10 2.54 13.90
CA GLY A 123 -0.46 2.55 15.19
C GLY A 123 0.81 3.39 15.21
N ASP A 124 1.28 3.64 16.43
CA ASP A 124 2.57 4.29 16.64
C ASP A 124 3.71 3.28 16.73
N GLY A 125 3.41 1.99 16.77
CA GLY A 125 4.43 1.00 17.06
C GLY A 125 4.84 1.04 18.52
N ASP A 126 5.63 0.05 18.92
CA ASP A 126 6.16 -0.01 20.27
C ASP A 126 7.55 0.60 20.39
N GLY A 127 8.05 1.18 19.32
CA GLY A 127 9.35 1.82 19.30
C GLY A 127 10.50 0.88 19.06
N GLN A 128 10.26 -0.43 19.12
CA GLN A 128 11.29 -1.44 18.90
C GLN A 128 11.04 -2.23 17.63
N THR A 129 9.85 -2.80 17.48
CA THR A 129 9.50 -3.47 16.24
C THR A 129 9.10 -2.49 15.16
N PHE A 130 8.32 -1.45 15.50
CA PHE A 130 7.94 -0.40 14.57
C PHE A 130 8.03 0.95 15.25
N ILE A 131 8.28 1.97 14.43
CA ILE A 131 7.97 3.36 14.74
C ILE A 131 6.65 3.70 14.04
N PRO A 132 6.11 4.91 14.18
CA PRO A 132 4.75 5.14 13.68
C PRO A 132 4.62 4.79 12.21
N LEU A 133 3.63 3.96 11.91
CA LEU A 133 3.65 3.21 10.66
C LEU A 133 3.33 4.05 9.44
N SER A 134 2.70 5.20 9.62
CA SER A 134 2.47 6.11 8.51
C SER A 134 3.76 6.73 7.97
N GLY A 135 4.90 6.51 8.63
CA GLY A 135 6.15 6.96 8.08
C GLY A 135 6.61 6.21 6.85
N GLY A 136 5.97 5.10 6.51
CA GLY A 136 6.32 4.34 5.33
C GLY A 136 5.34 4.60 4.21
N ILE A 137 5.83 5.19 3.12
N ILE A 137 5.83 5.15 3.10
CA ILE A 137 4.98 5.42 1.95
CA ILE A 137 4.94 5.42 1.97
C ILE A 137 4.38 4.10 1.47
C ILE A 137 4.38 4.11 1.41
N ASP A 138 5.19 3.04 1.41
CA ASP A 138 4.68 1.75 0.97
C ASP A 138 3.58 1.24 1.90
N VAL A 139 3.67 1.53 3.20
CA VAL A 139 2.64 1.15 4.16
C VAL A 139 1.34 1.90 3.88
N VAL A 140 1.42 3.23 3.76
CA VAL A 140 0.22 4.02 3.49
C VAL A 140 -0.46 3.54 2.21
N ALA A 141 0.32 3.35 1.15
CA ALA A 141 -0.25 2.92 -0.12
C ALA A 141 -0.77 1.48 -0.02
N HIS A 142 -0.11 0.63 0.76
CA HIS A 142 -0.64 -0.72 1.03
C HIS A 142 -2.04 -0.63 1.64
N GLU A 143 -2.21 0.25 2.62
CA GLU A 143 -3.51 0.36 3.29
C GLU A 143 -4.58 0.92 2.35
N LEU A 144 -4.27 1.99 1.61
CA LEU A 144 -5.29 2.54 0.72
C LEU A 144 -5.63 1.56 -0.39
N THR A 145 -4.66 0.74 -0.79
CA THR A 145 -4.93 -0.25 -1.81
C THR A 145 -5.90 -1.32 -1.32
N HIS A 146 -5.93 -1.64 -0.02
CA HIS A 146 -6.99 -2.52 0.47
C HIS A 146 -8.37 -1.96 0.16
N ALA A 147 -8.56 -0.65 0.31
CA ALA A 147 -9.84 -0.03 -0.04
C ALA A 147 -10.13 -0.19 -1.54
N VAL A 148 -9.13 0.03 -2.40
CA VAL A 148 -9.30 -0.17 -3.84
C VAL A 148 -9.74 -1.61 -4.12
N THR A 149 -9.01 -2.58 -3.55
CA THR A 149 -9.38 -3.98 -3.74
C THR A 149 -10.81 -4.23 -3.29
N ASP A 150 -11.19 -3.72 -2.12
CA ASP A 150 -12.51 -4.01 -1.59
C ASP A 150 -13.61 -3.46 -2.49
N TYR A 151 -13.36 -2.33 -3.15
CA TYR A 151 -14.34 -1.72 -4.04
C TYR A 151 -14.36 -2.35 -5.42
N THR A 152 -13.35 -3.16 -5.76
CA THR A 152 -13.20 -3.67 -7.11
C THR A 152 -13.32 -5.19 -7.04
N ALA A 153 -12.21 -5.93 -7.08
CA ALA A 153 -12.28 -7.38 -7.08
C ALA A 153 -12.98 -7.92 -5.85
N GLY A 154 -12.78 -7.29 -4.69
CA GLY A 154 -13.47 -7.73 -3.49
C GLY A 154 -12.92 -9.00 -2.89
N LEU A 155 -11.64 -9.29 -3.14
CA LEU A 155 -10.99 -10.51 -2.69
C LEU A 155 -11.22 -10.76 -1.20
N ILE A 156 -11.80 -11.93 -0.90
CA ILE A 156 -12.09 -12.32 0.48
C ILE A 156 -10.77 -12.53 1.22
N TYR A 157 -10.71 -12.10 2.48
CA TYR A 157 -9.43 -12.01 3.20
C TYR A 157 -9.07 -13.32 3.92
N GLN A 158 -8.92 -14.38 3.13
CA GLN A 158 -8.50 -15.67 3.67
C GLN A 158 -7.95 -16.51 2.53
N ASN A 159 -7.03 -17.41 2.88
CA ASN A 159 -6.54 -18.43 1.94
C ASN A 159 -6.00 -17.76 0.67
N GLU A 160 -6.18 -18.38 -0.51
CA GLU A 160 -5.50 -17.85 -1.69
C GLU A 160 -6.04 -16.49 -2.11
N SER A 161 -7.36 -16.29 -2.06
CA SER A 161 -7.88 -14.96 -2.42
C SER A 161 -7.31 -13.89 -1.50
N GLY A 162 -7.12 -14.23 -0.22
CA GLY A 162 -6.59 -13.26 0.73
C GLY A 162 -5.10 -12.99 0.52
N ALA A 163 -4.35 -14.01 0.11
CA ALA A 163 -2.95 -13.80 -0.25
C ALA A 163 -2.82 -12.94 -1.51
N ILE A 164 -3.74 -13.09 -2.48
CA ILE A 164 -3.75 -12.18 -3.62
C ILE A 164 -4.06 -10.76 -3.15
N ASN A 165 -5.07 -10.62 -2.28
CA ASN A 165 -5.41 -9.33 -1.70
C ASN A 165 -4.18 -8.65 -1.10
N GLU A 166 -3.44 -9.40 -0.28
CA GLU A 166 -2.21 -8.90 0.33
C GLU A 166 -1.17 -8.51 -0.70
N ALA A 167 -0.93 -9.40 -1.67
CA ALA A 167 0.07 -9.11 -2.70
C ALA A 167 -0.29 -7.86 -3.48
N ILE A 168 -1.57 -7.68 -3.82
CA ILE A 168 -1.99 -6.47 -4.53
C ILE A 168 -1.60 -5.23 -3.73
N SER A 169 -1.82 -5.25 -2.41
CA SER A 169 -1.43 -4.13 -1.56
C SER A 169 0.08 -3.94 -1.50
N ASP A 170 0.86 -5.04 -1.47
CA ASP A 170 2.32 -4.89 -1.50
C ASP A 170 2.82 -4.39 -2.85
N ILE A 171 2.23 -4.90 -3.94
CA ILE A 171 2.61 -4.49 -5.30
C ILE A 171 2.37 -3.00 -5.47
N PHE A 172 1.13 -2.54 -5.22
CA PHE A 172 0.85 -1.13 -5.42
C PHE A 172 1.50 -0.26 -4.35
N GLY A 173 1.70 -0.78 -3.14
CA GLY A 173 2.49 -0.03 -2.17
C GLY A 173 3.87 0.27 -2.71
N THR A 174 4.49 -0.75 -3.32
CA THR A 174 5.82 -0.60 -3.91
C THR A 174 5.79 0.31 -5.13
N LEU A 175 4.79 0.17 -5.99
CA LEU A 175 4.73 1.04 -7.16
C LEU A 175 4.53 2.49 -6.77
N VAL A 176 3.77 2.77 -5.70
CA VAL A 176 3.65 4.14 -5.20
C VAL A 176 4.98 4.62 -4.64
N GLU A 177 5.70 3.76 -3.91
CA GLU A 177 7.02 4.12 -3.43
C GLU A 177 7.95 4.50 -4.58
N PHE A 178 7.93 3.74 -5.68
CA PHE A 178 8.71 4.11 -6.85
C PHE A 178 8.22 5.41 -7.48
N TYR A 179 6.90 5.62 -7.53
CA TYR A 179 6.33 6.83 -8.08
C TYR A 179 6.85 8.07 -7.36
N ALA A 180 6.91 8.02 -6.03
CA ALA A 180 7.43 9.15 -5.25
C ALA A 180 8.95 9.26 -5.37
N ASN A 181 9.61 8.14 -5.62
CA ASN A 181 11.03 8.10 -6.00
C ASN A 181 11.97 8.55 -4.88
N LYS A 182 11.64 8.22 -3.64
CA LYS A 182 12.54 8.42 -2.49
C LYS A 182 12.94 7.06 -1.94
N ASN A 183 14.20 6.69 -2.14
CA ASN A 183 14.75 5.43 -1.66
C ASN A 183 13.87 4.24 -2.03
N PRO A 184 13.45 4.11 -3.30
CA PRO A 184 12.52 3.04 -3.63
C PRO A 184 13.20 1.69 -3.69
N ASP A 185 12.43 0.67 -3.35
CA ASP A 185 12.92 -0.70 -3.31
C ASP A 185 11.73 -1.64 -3.45
N TRP A 186 12.05 -2.94 -3.48
CA TRP A 186 11.07 -4.01 -3.54
C TRP A 186 10.87 -4.69 -2.17
N GLU A 187 11.17 -3.95 -1.09
CA GLU A 187 10.96 -4.39 0.28
C GLU A 187 9.74 -3.68 0.85
N ILE A 188 9.13 -4.26 1.88
CA ILE A 188 7.90 -3.71 2.46
C ILE A 188 8.18 -3.24 3.88
N GLY A 189 7.94 -1.96 4.14
CA GLY A 189 7.93 -1.44 5.50
C GLY A 189 9.28 -1.05 6.07
N GLU A 190 10.33 -1.09 5.25
CA GLU A 190 11.69 -0.85 5.74
C GLU A 190 11.85 0.48 6.45
N ASP A 191 11.09 1.52 6.08
CA ASP A 191 11.33 2.83 6.67
C ASP A 191 10.81 2.94 8.10
N VAL A 192 9.93 2.04 8.53
CA VAL A 192 9.34 2.10 9.86
C VAL A 192 9.57 0.85 10.70
N TYR A 193 10.25 -0.15 10.16
CA TYR A 193 10.47 -1.42 10.83
C TYR A 193 11.81 -1.42 11.55
N THR A 194 11.81 -1.90 12.80
CA THR A 194 13.01 -2.16 13.61
C THR A 194 14.04 -1.04 13.51
N PRO A 195 13.77 0.09 14.16
CA PRO A 195 14.75 1.19 14.11
C PRO A 195 16.15 0.81 14.56
N GLY A 196 16.29 -0.21 15.41
CA GLY A 196 17.60 -0.62 15.85
C GLY A 196 18.35 -1.58 14.95
N ILE A 197 17.74 -2.01 13.84
CA ILE A 197 18.35 -2.96 12.91
C ILE A 197 18.31 -2.36 11.52
N SER A 198 19.46 -2.17 10.90
CA SER A 198 19.51 -1.61 9.55
C SER A 198 19.38 -2.70 8.50
N GLY A 199 18.76 -2.37 7.39
CA GLY A 199 18.80 -3.21 6.20
C GLY A 199 17.77 -4.31 6.15
N ASP A 200 16.83 -4.35 7.09
CA ASP A 200 15.79 -5.36 7.13
C ASP A 200 14.45 -4.74 6.74
N SER A 201 13.41 -5.57 6.73
N SER A 201 13.44 -5.61 6.65
CA SER A 201 12.08 -5.11 6.38
CA SER A 201 12.11 -5.24 6.20
C SER A 201 11.11 -6.19 6.81
C SER A 201 11.12 -6.19 6.86
N LEU A 202 9.83 -5.87 6.70
CA LEU A 202 8.79 -6.80 7.13
C LEU A 202 8.64 -7.97 6.15
N ARG A 203 8.65 -7.66 4.84
CA ARG A 203 8.61 -8.65 3.77
C ARG A 203 9.54 -8.16 2.67
N SER A 204 9.97 -9.09 1.82
CA SER A 204 10.69 -8.78 0.61
C SER A 204 9.92 -9.35 -0.57
N MET A 205 9.72 -8.53 -1.61
CA MET A 205 9.14 -9.05 -2.84
C MET A 205 10.18 -9.68 -3.75
N SER A 206 11.40 -9.16 -3.73
CA SER A 206 12.47 -9.69 -4.56
C SER A 206 12.97 -11.03 -4.07
N ASP A 207 12.92 -11.27 -2.77
CA ASP A 207 13.36 -12.54 -2.17
C ASP A 207 12.52 -12.81 -0.94
N PRO A 208 11.26 -13.24 -1.11
CA PRO A 208 10.38 -13.44 0.05
C PRO A 208 10.96 -14.36 1.10
N ALA A 209 11.75 -15.35 0.70
CA ALA A 209 12.27 -16.34 1.62
C ALA A 209 13.22 -15.71 2.64
N LYS A 210 13.76 -14.52 2.36
CA LYS A 210 14.63 -13.84 3.33
C LYS A 210 13.93 -13.67 4.66
N TYR A 211 12.61 -13.52 4.65
CA TYR A 211 11.83 -13.34 5.87
C TYR A 211 10.85 -14.50 6.08
N GLY A 212 11.20 -15.68 5.57
CA GLY A 212 10.47 -16.89 5.83
C GLY A 212 9.24 -17.10 4.98
N ASP A 213 9.01 -16.29 3.98
CA ASP A 213 7.82 -16.43 3.17
C ASP A 213 8.12 -17.22 1.89
N PRO A 214 7.14 -17.97 1.43
CA PRO A 214 7.36 -18.82 0.25
C PRO A 214 7.56 -18.02 -1.02
N ASP A 215 8.37 -18.58 -1.91
CA ASP A 215 8.67 -18.03 -3.23
C ASP A 215 8.32 -19.01 -4.33
N HIS A 216 7.52 -20.01 -4.00
CA HIS A 216 7.11 -21.04 -4.93
C HIS A 216 5.86 -21.69 -4.35
N TYR A 217 4.91 -22.03 -5.23
CA TYR A 217 3.64 -22.58 -4.78
C TYR A 217 3.81 -23.86 -3.98
N SER A 218 4.85 -24.66 -4.28
CA SER A 218 5.10 -25.89 -3.54
C SER A 218 5.45 -25.65 -2.08
N LYS A 219 5.77 -24.41 -1.71
CA LYS A 219 6.12 -24.05 -0.35
C LYS A 219 5.00 -23.29 0.36
N ARG A 220 3.79 -23.29 -0.21
CA ARG A 220 2.71 -22.52 0.37
C ARG A 220 2.32 -23.07 1.75
N TYR A 221 1.84 -22.16 2.60
CA TYR A 221 1.29 -22.49 3.90
C TYR A 221 -0.20 -22.82 3.77
N THR A 222 -0.63 -23.88 4.46
CA THR A 222 -2.02 -24.30 4.37
C THR A 222 -2.67 -24.46 5.73
N GLY A 223 -2.05 -23.94 6.78
CA GLY A 223 -2.65 -23.93 8.10
C GLY A 223 -3.62 -22.77 8.25
N THR A 224 -4.01 -22.52 9.49
CA THR A 224 -5.06 -21.55 9.78
C THR A 224 -4.57 -20.22 10.32
N GLN A 225 -3.31 -20.12 10.73
CA GLN A 225 -2.82 -18.86 11.27
C GLN A 225 -2.89 -17.78 10.20
N ASP A 226 -3.00 -16.53 10.63
CA ASP A 226 -2.92 -15.40 9.70
C ASP A 226 -3.96 -15.53 8.58
N ASN A 227 -5.18 -15.92 8.94
CA ASN A 227 -6.26 -16.06 7.96
C ASN A 227 -5.90 -17.03 6.83
N GLY A 228 -5.19 -18.11 7.18
CA GLY A 228 -4.72 -19.02 6.17
C GLY A 228 -3.48 -18.55 5.47
N GLY A 229 -2.64 -17.77 6.14
CA GLY A 229 -1.36 -17.34 5.58
C GLY A 229 -1.42 -16.18 4.61
N VAL A 230 -2.33 -15.22 4.79
CA VAL A 230 -2.47 -14.17 3.77
C VAL A 230 -1.21 -13.32 3.63
N HIS A 231 -0.48 -13.08 4.72
CA HIS A 231 0.78 -12.31 4.67
C HIS A 231 1.99 -13.19 4.43
N ILE A 232 1.78 -14.50 4.27
CA ILE A 232 2.83 -15.49 4.07
C ILE A 232 2.81 -15.88 2.61
N ASN A 233 1.69 -16.45 2.16
CA ASN A 233 1.55 -16.87 0.77
C ASN A 233 1.53 -15.71 -0.22
N SER A 234 1.35 -14.47 0.25
CA SER A 234 1.53 -13.32 -0.62
C SER A 234 2.92 -13.33 -1.26
N GLY A 235 3.91 -13.97 -0.63
CA GLY A 235 5.25 -14.00 -1.19
C GLY A 235 5.30 -14.66 -2.55
N ILE A 236 4.43 -15.63 -2.79
CA ILE A 236 4.43 -16.33 -4.07
C ILE A 236 4.04 -15.37 -5.18
N ILE A 237 3.02 -14.55 -4.95
CA ILE A 237 2.53 -13.58 -5.93
C ILE A 237 3.46 -12.38 -6.00
N ASN A 238 3.98 -11.92 -4.85
CA ASN A 238 4.94 -10.83 -4.86
C ASN A 238 6.16 -11.19 -5.69
N LYS A 239 6.65 -12.43 -5.54
CA LYS A 239 7.79 -12.87 -6.35
C LYS A 239 7.45 -12.87 -7.84
N ALA A 240 6.27 -13.36 -8.20
CA ALA A 240 5.87 -13.34 -9.61
C ALA A 240 5.84 -11.92 -10.14
N ALA A 241 5.30 -10.99 -9.37
CA ALA A 241 5.22 -9.59 -9.79
C ALA A 241 6.62 -8.99 -9.95
N TYR A 242 7.50 -9.24 -8.98
CA TYR A 242 8.88 -8.81 -9.08
C TYR A 242 9.52 -9.33 -10.36
N LEU A 243 9.32 -10.62 -10.66
CA LEU A 243 9.92 -11.20 -11.85
C LEU A 243 9.37 -10.57 -13.13
N ILE A 244 8.05 -10.36 -13.18
CA ILE A 244 7.46 -9.71 -14.36
C ILE A 244 8.15 -8.38 -14.61
N SER A 245 8.34 -7.58 -13.56
CA SER A 245 8.93 -6.26 -13.73
C SER A 245 10.43 -6.33 -14.01
N GLN A 246 11.16 -7.03 -13.17
CA GLN A 246 12.62 -6.94 -13.13
C GLN A 246 13.33 -8.06 -13.85
N GLY A 247 12.63 -9.17 -14.11
CA GLY A 247 13.24 -10.34 -14.70
C GLY A 247 14.09 -11.13 -13.73
N GLY A 248 14.53 -12.29 -14.17
CA GLY A 248 15.41 -13.15 -13.39
C GLY A 248 15.18 -14.60 -13.75
N THR A 249 16.07 -15.45 -13.25
CA THR A 249 15.89 -16.89 -13.39
C THR A 249 15.70 -17.45 -12.00
N HIS A 250 14.58 -18.12 -11.78
CA HIS A 250 14.12 -18.52 -10.46
C HIS A 250 13.69 -19.98 -10.55
N TYR A 251 14.31 -20.83 -9.72
CA TYR A 251 14.16 -22.28 -9.82
C TYR A 251 14.36 -22.75 -11.26
N GLY A 252 15.33 -22.14 -11.94
CA GLY A 252 15.69 -22.55 -13.28
C GLY A 252 14.83 -21.99 -14.39
N VAL A 253 13.79 -21.22 -14.08
CA VAL A 253 12.89 -20.66 -15.09
C VAL A 253 13.26 -19.20 -15.31
N SER A 254 13.56 -18.85 -16.56
CA SER A 254 14.00 -17.49 -16.90
C SER A 254 12.82 -16.62 -17.30
N VAL A 255 12.80 -15.41 -16.75
CA VAL A 255 11.76 -14.42 -17.00
C VAL A 255 12.43 -13.16 -17.54
N VAL A 256 11.95 -12.69 -18.69
CA VAL A 256 12.39 -11.41 -19.25
C VAL A 256 11.56 -10.30 -18.62
N GLY A 257 12.22 -9.38 -17.92
CA GLY A 257 11.49 -8.30 -17.28
C GLY A 257 10.92 -7.31 -18.29
N ILE A 258 9.77 -6.73 -17.93
CA ILE A 258 9.09 -5.75 -18.78
C ILE A 258 8.96 -4.39 -18.11
N GLY A 259 9.40 -4.25 -16.86
CA GLY A 259 9.42 -2.98 -16.16
C GLY A 259 8.19 -2.73 -15.30
N ARG A 260 8.35 -1.77 -14.38
CA ARG A 260 7.34 -1.51 -13.35
C ARG A 260 6.04 -0.97 -13.95
N ASP A 261 6.13 -0.08 -14.94
CA ASP A 261 4.92 0.54 -15.44
C ASP A 261 4.00 -0.50 -16.07
N LYS A 262 4.56 -1.41 -16.86
CA LYS A 262 3.74 -2.45 -17.45
C LYS A 262 3.23 -3.44 -16.41
N LEU A 263 4.04 -3.78 -15.41
CA LEU A 263 3.53 -4.56 -14.29
C LEU A 263 2.28 -3.91 -13.71
N GLY A 264 2.37 -2.62 -13.41
CA GLY A 264 1.25 -1.93 -12.80
C GLY A 264 0.02 -1.92 -13.69
N LYS A 265 0.21 -1.72 -15.01
CA LYS A 265 -0.94 -1.72 -15.92
C LYS A 265 -1.60 -3.09 -15.94
N ILE A 266 -0.79 -4.15 -15.99
CA ILE A 266 -1.34 -5.51 -16.07
C ILE A 266 -2.11 -5.84 -14.80
N PHE A 267 -1.50 -5.57 -13.63
CA PHE A 267 -2.17 -5.94 -12.39
C PHE A 267 -3.36 -5.04 -12.08
N TYR A 268 -3.30 -3.76 -12.47
CA TYR A 268 -4.46 -2.90 -12.25
C TYR A 268 -5.64 -3.38 -13.08
N ARG A 269 -5.39 -3.74 -14.34
CA ARG A 269 -6.46 -4.26 -15.18
C ARG A 269 -6.98 -5.59 -14.64
N ALA A 270 -6.08 -6.48 -14.20
CA ALA A 270 -6.54 -7.75 -13.65
C ALA A 270 -7.44 -7.52 -12.45
N LEU A 271 -7.02 -6.62 -11.55
CA LEU A 271 -7.76 -6.34 -10.32
C LEU A 271 -9.14 -5.79 -10.62
N THR A 272 -9.23 -4.89 -11.60
CA THR A 272 -10.47 -4.14 -11.80
C THR A 272 -11.38 -4.73 -12.86
N GLN A 273 -10.88 -5.64 -13.71
CA GLN A 273 -11.69 -6.22 -14.78
C GLN A 273 -11.90 -7.72 -14.67
N TYR A 274 -11.01 -8.46 -14.02
CA TYR A 274 -11.06 -9.91 -14.14
C TYR A 274 -11.17 -10.65 -12.81
N LEU A 275 -10.53 -10.18 -11.75
CA LEU A 275 -10.58 -10.90 -10.49
C LEU A 275 -11.95 -10.77 -9.83
N THR A 276 -12.28 -11.75 -9.02
CA THR A 276 -13.53 -11.81 -8.29
C THR A 276 -13.23 -12.06 -6.82
N PRO A 277 -14.24 -12.05 -5.96
CA PRO A 277 -13.94 -12.18 -4.52
C PRO A 277 -13.27 -13.48 -4.16
N THR A 278 -13.50 -14.54 -4.93
CA THR A 278 -12.96 -15.86 -4.59
C THR A 278 -11.83 -16.32 -5.52
N SER A 279 -11.25 -15.43 -6.32
CA SER A 279 -10.18 -15.85 -7.21
C SER A 279 -9.05 -16.52 -6.44
N ASN A 280 -8.55 -17.63 -7.01
CA ASN A 280 -7.35 -18.29 -6.50
C ASN A 280 -6.13 -17.95 -7.36
N PHE A 281 -4.97 -18.51 -7.00
CA PHE A 281 -3.73 -18.14 -7.70
C PHE A 281 -3.79 -18.48 -9.19
N SER A 282 -4.33 -19.66 -9.53
CA SER A 282 -4.44 -20.05 -10.94
C SER A 282 -5.32 -19.06 -11.70
N GLN A 283 -6.41 -18.62 -11.08
CA GLN A 283 -7.28 -17.62 -11.68
C GLN A 283 -6.61 -16.27 -11.81
N LEU A 284 -5.74 -15.91 -10.86
CA LEU A 284 -4.95 -14.69 -11.01
C LEU A 284 -4.04 -14.79 -12.23
N ARG A 285 -3.35 -15.93 -12.39
CA ARG A 285 -2.52 -16.10 -13.58
C ARG A 285 -3.33 -15.85 -14.84
N ALA A 286 -4.51 -16.45 -14.93
CA ALA A 286 -5.34 -16.28 -16.12
C ALA A 286 -5.75 -14.83 -16.30
N ALA A 287 -6.10 -14.16 -15.20
CA ALA A 287 -6.47 -12.75 -15.27
C ALA A 287 -5.32 -11.89 -15.75
N ALA A 288 -4.11 -12.16 -15.26
CA ALA A 288 -2.94 -11.41 -15.69
C ALA A 288 -2.62 -11.67 -17.15
N VAL A 289 -2.72 -12.94 -17.59
CA VAL A 289 -2.49 -13.25 -19.00
C VAL A 289 -3.49 -12.51 -19.87
N GLN A 290 -4.76 -12.55 -19.50
CA GLN A 290 -5.77 -11.86 -20.31
C GLN A 290 -5.54 -10.36 -20.32
N SER A 291 -5.18 -9.79 -19.16
CA SER A 291 -4.94 -8.36 -19.07
C SER A 291 -3.78 -7.94 -19.97
N ALA A 292 -2.69 -8.70 -19.92
CA ALA A 292 -1.55 -8.39 -20.77
C ALA A 292 -1.89 -8.57 -22.25
N THR A 293 -2.75 -9.55 -22.55
CA THR A 293 -3.21 -9.72 -23.94
C THR A 293 -4.00 -8.51 -24.40
N ASP A 294 -4.94 -8.03 -23.56
CA ASP A 294 -5.72 -6.83 -23.90
C ASP A 294 -4.80 -5.65 -24.17
N LEU A 295 -3.80 -5.45 -23.32
CA LEU A 295 -2.99 -4.24 -23.38
C LEU A 295 -1.90 -4.30 -24.46
N TYR A 296 -1.34 -5.47 -24.71
CA TYR A 296 -0.11 -5.59 -25.49
C TYR A 296 -0.18 -6.58 -26.63
N GLY A 297 -1.18 -7.45 -26.67
CA GLY A 297 -1.36 -8.38 -27.77
C GLY A 297 -0.92 -9.78 -27.40
N SER A 298 -1.58 -10.77 -28.01
CA SER A 298 -1.37 -12.17 -27.63
C SER A 298 0.06 -12.64 -27.89
N THR A 299 0.72 -12.11 -28.92
CA THR A 299 2.07 -12.55 -29.25
C THR A 299 3.15 -11.67 -28.61
N SER A 300 2.77 -10.83 -27.66
CA SER A 300 3.70 -9.85 -27.12
C SER A 300 4.67 -10.48 -26.12
N GLN A 301 5.80 -9.79 -25.94
CA GLN A 301 6.73 -10.16 -24.87
C GLN A 301 6.05 -10.09 -23.51
N GLU A 302 5.18 -9.09 -23.33
CA GLU A 302 4.52 -8.91 -22.03
C GLU A 302 3.73 -10.14 -21.64
N VAL A 303 2.94 -10.69 -22.57
CA VAL A 303 2.19 -11.92 -22.28
C VAL A 303 3.15 -13.07 -21.98
N ALA A 304 4.18 -13.22 -22.80
CA ALA A 304 5.12 -14.31 -22.59
C ALA A 304 5.79 -14.23 -21.22
N SER A 305 6.13 -13.00 -20.78
CA SER A 305 6.78 -12.82 -19.49
C SER A 305 5.84 -13.10 -18.32
N VAL A 306 4.56 -12.74 -18.45
CA VAL A 306 3.60 -13.09 -17.41
C VAL A 306 3.56 -14.60 -17.22
N LYS A 307 3.50 -15.35 -18.33
CA LYS A 307 3.47 -16.81 -18.24
C LYS A 307 4.74 -17.36 -17.60
N GLN A 308 5.91 -16.84 -17.99
CA GLN A 308 7.17 -17.33 -17.42
C GLN A 308 7.23 -17.07 -15.94
N ALA A 309 6.77 -15.89 -15.50
CA ALA A 309 6.84 -15.53 -14.08
C ALA A 309 5.96 -16.45 -13.24
N PHE A 310 4.74 -16.71 -13.69
CA PHE A 310 3.89 -17.63 -12.94
C PHE A 310 4.44 -19.06 -13.00
N ASP A 311 5.00 -19.48 -14.14
CA ASP A 311 5.70 -20.77 -14.18
C ASP A 311 6.81 -20.83 -13.13
N ALA A 312 7.60 -19.75 -13.02
CA ALA A 312 8.75 -19.74 -12.12
C ALA A 312 8.34 -19.95 -10.67
N VAL A 313 7.15 -19.47 -10.29
CA VAL A 313 6.64 -19.64 -8.92
C VAL A 313 5.68 -20.81 -8.81
N GLY A 314 5.58 -21.63 -9.84
CA GLY A 314 4.81 -22.86 -9.73
C GLY A 314 3.31 -22.73 -9.81
N VAL A 315 2.81 -21.65 -10.41
CA VAL A 315 1.37 -21.41 -10.52
C VAL A 315 0.96 -21.61 -11.97
N LYS A 316 0.11 -22.61 -12.21
CA LYS A 316 -0.38 -22.89 -13.55
C LYS A 316 -1.80 -22.40 -13.75
ZN ZN B . -2.49 -5.77 4.05
CA CA C . 9.63 -0.32 0.40
CA CA D . 1.28 23.78 15.28
CA CA E . 12.32 2.37 0.46
CA CA F . 15.00 -1.86 10.57
S DMS G . 9.81 -26.65 -6.58
O DMS G . 9.97 -28.12 -6.69
C1 DMS G . 10.85 -26.12 -5.20
C2 DMS G . 10.86 -25.98 -7.91
S DMS H . -13.72 23.50 2.24
O DMS H . -14.92 24.34 2.55
C1 DMS H . -14.35 21.88 1.72
C2 DMS H . -13.09 24.03 0.63
S DMS I . 9.72 1.61 -16.47
O DMS I . 8.52 0.73 -16.35
C1 DMS I . 9.38 2.89 -17.72
C2 DMS I . 9.98 2.61 -15.00
C10 8KN J . 3.02 -7.00 12.19
C11 8KN J . -0.27 -8.48 9.76
C12 8KN J . -3.71 -5.58 8.27
C13 8KN J . -5.96 -6.64 8.22
C14 8KN J . -8.27 -7.20 7.98
C15 8KN J . -9.31 -6.27 8.61
C16 8KN J . -10.58 -6.15 8.02
C19 8KN J . -9.97 -4.67 10.28
C20 8KN J . -9.03 -5.51 9.73
O01 8KN J . -2.24 -6.09 5.99
P01 8KN J . -2.65 -4.96 6.91
N01 8KN J . -1.26 -4.41 7.68
C01 8KN J . 0.05 -4.56 7.07
C02 8KN J . 0.98 -3.46 7.59
C03 8KN J . 2.37 -3.44 6.97
C04 8KN J . 2.33 -3.02 5.51
C05 8KN J . 3.31 -2.57 7.77
C06 8KN J . 0.66 -5.91 7.35
N02 8KN J . 0.33 -6.43 8.61
C07 8KN J . 0.84 -7.72 9.04
O02 8KN J . -0.04 -9.69 10.04
O03 8KN J . -1.35 -7.90 10.02
O04 8KN J . 1.38 -6.50 6.58
O05 8KN J . -3.39 -3.89 6.13
N04 8KN J . -5.05 -5.65 7.78
O06 8KN J . -7.16 -6.46 7.56
C17 8KN J . -11.55 -5.30 8.57
C18 8KN J . -11.25 -4.57 9.72
O07 8KN J . -5.71 -7.46 9.05
C08 8KN J . 2.09 -7.56 9.91
C09 8KN J . 1.77 -7.00 11.30
N03 8KN J . 2.68 -6.74 13.61
C1 MPD K . -5.48 -6.15 12.53
C2 MPD K . -6.33 -5.91 13.78
O2 MPD K . -5.43 -5.57 14.89
CM MPD K . -7.31 -4.73 13.56
C3 MPD K . -7.16 -7.13 14.22
C4 MPD K . -6.43 -8.43 14.54
O4 MPD K . -5.32 -8.19 15.39
C5 MPD K . -7.40 -9.40 15.21
#